data_1EH5
#
_entry.id   1EH5
#
_cell.length_a   67.520
_cell.length_b   67.520
_cell.length_c   128.920
_cell.angle_alpha   90.00
_cell.angle_beta   90.00
_cell.angle_gamma   90.00
#
_symmetry.space_group_name_H-M   'P 41 2 2'
#
loop_
_entity.id
_entity.type
_entity.pdbx_description
1 polymer 'PALMITOYL PROTEIN THIOESTERASE 1'
2 branched 2-acetamido-2-deoxy-beta-D-glucopyranose-(1-4)-2-acetamido-2-deoxy-beta-D-glucopyranose
3 non-polymer 2-acetamido-2-deoxy-beta-D-glucopyranose
4 non-polymer 'PALMITIC ACID'
5 water water
#
_entity_poly.entity_id   1
_entity_poly.type   'polypeptide(L)'
_entity_poly.pdbx_seq_one_letter_code
;DPPAPLPLVIWHGMGDSCCNPLSMGAIKKMVEKKIPGIHVLSLEIGKTLREDVENSFFLNVNSQVTTVCQILAKDPKLQQ
GYNAMGFSQGGQFLRAVAQRCPSPPMVNLISVGGQHQGVFGLPRCPGESSHICDFIRKTLNAGAYNKAIQERLVQAEYWH
DPIREDIYRNHSIFLADINQERGVNESYKKNLMALKKFVMVKFLNDTIVDPVDSEWFGFYRSGQAKETIPLQESTLYTQD
RLGLKAMDKAGQLVFLALEGDHLQLSEEWFYAHIIPFLE
;
_entity_poly.pdbx_strand_id   A
#
loop_
_chem_comp.id
_chem_comp.type
_chem_comp.name
_chem_comp.formula
NAG D-saccharide, beta linking 2-acetamido-2-deoxy-beta-D-glucopyranose 'C8 H15 N O6'
PLM non-polymer 'PALMITIC ACID' 'C16 H32 O2'
#
# COMPACT_ATOMS: atom_id res chain seq x y z
N ASP A 1 -30.26 9.86 2.88
CA ASP A 1 -29.23 10.90 3.22
C ASP A 1 -27.91 10.54 2.54
N PRO A 2 -26.96 11.48 2.55
CA PRO A 2 -25.66 11.19 1.92
C PRO A 2 -24.86 10.07 2.62
N PRO A 3 -25.11 9.83 3.93
CA PRO A 3 -24.37 8.76 4.62
C PRO A 3 -24.19 7.46 3.84
N ALA A 4 -25.25 6.67 3.74
CA ALA A 4 -25.22 5.38 3.03
C ALA A 4 -24.15 5.31 1.94
N PRO A 5 -24.14 6.25 0.99
CA PRO A 5 -23.14 6.22 -0.08
C PRO A 5 -21.81 6.84 0.37
N LEU A 6 -21.02 6.11 1.14
CA LEU A 6 -19.74 6.64 1.58
C LEU A 6 -18.85 6.80 0.36
N PRO A 7 -18.22 7.98 0.22
CA PRO A 7 -17.33 8.27 -0.91
C PRO A 7 -16.18 7.29 -0.92
N LEU A 8 -15.60 7.06 -2.08
CA LEU A 8 -14.46 6.17 -2.22
C LEU A 8 -13.31 6.98 -2.80
N VAL A 9 -12.13 6.82 -2.21
CA VAL A 9 -10.93 7.51 -2.68
C VAL A 9 -10.00 6.43 -3.23
N ILE A 10 -9.58 6.58 -4.48
CA ILE A 10 -8.73 5.60 -5.15
C ILE A 10 -7.33 6.15 -5.45
N TRP A 11 -6.33 5.28 -5.32
CA TRP A 11 -4.95 5.65 -5.60
C TRP A 11 -4.33 4.54 -6.48
N HIS A 12 -3.98 4.90 -7.71
CA HIS A 12 -3.40 3.98 -8.70
C HIS A 12 -1.97 3.52 -8.35
N GLY A 13 -1.53 2.46 -9.03
CA GLY A 13 -0.20 1.95 -8.77
C GLY A 13 0.89 2.54 -9.64
N MET A 14 2.07 1.93 -9.57
CA MET A 14 3.25 2.34 -10.34
C MET A 14 2.98 2.29 -11.84
N GLY A 15 3.33 3.37 -12.54
CA GLY A 15 3.15 3.43 -13.98
C GLY A 15 1.77 3.70 -14.53
N ASP A 16 0.77 3.76 -13.66
CA ASP A 16 -0.59 4.02 -14.10
C ASP A 16 -0.99 5.43 -13.72
N SER A 17 -2.21 5.82 -14.06
CA SER A 17 -2.70 7.15 -13.71
C SER A 17 -4.10 7.06 -13.10
N CYS A 18 -4.68 8.22 -12.81
CA CYS A 18 -6.00 8.31 -12.20
C CYS A 18 -7.14 7.92 -13.08
N CYS A 19 -7.03 8.36 -14.33
CA CYS A 19 -8.12 8.25 -15.22
C CYS A 19 -8.00 7.47 -16.52
N ASN A 20 -7.32 6.33 -16.48
CA ASN A 20 -7.24 5.54 -17.70
C ASN A 20 -8.48 4.69 -17.86
N PRO A 21 -9.22 4.88 -18.95
CA PRO A 21 -10.44 4.09 -19.18
C PRO A 21 -10.31 2.59 -19.00
N LEU A 22 -9.16 2.05 -19.36
CA LEU A 22 -8.94 0.61 -19.22
C LEU A 22 -8.75 0.23 -17.74
N SER A 23 -7.84 0.87 -17.01
CA SER A 23 -7.77 0.37 -15.67
C SER A 23 -8.54 1.14 -14.62
N MET A 24 -8.01 2.26 -14.15
CA MET A 24 -8.66 3.04 -13.10
C MET A 24 -10.01 3.60 -13.49
N GLY A 25 -10.16 3.92 -14.77
CA GLY A 25 -11.41 4.43 -15.24
C GLY A 25 -12.45 3.34 -15.18
N ALA A 26 -12.03 2.10 -15.40
CA ALA A 26 -12.99 0.98 -15.38
C ALA A 26 -13.43 0.64 -13.96
N ILE A 27 -12.52 0.77 -13.00
CA ILE A 27 -12.87 0.47 -11.61
C ILE A 27 -13.93 1.47 -11.16
N LYS A 28 -13.65 2.74 -11.40
CA LYS A 28 -14.56 3.81 -11.00
C LYS A 28 -15.94 3.61 -11.60
N LYS A 29 -16.00 3.02 -12.79
CA LYS A 29 -17.26 2.79 -13.48
C LYS A 29 -18.06 1.67 -12.82
N MET A 30 -17.40 0.54 -12.54
CA MET A 30 -18.07 -0.58 -11.90
C MET A 30 -18.70 -0.17 -10.55
N VAL A 31 -17.88 0.42 -9.68
CA VAL A 31 -18.31 0.88 -8.37
C VAL A 31 -19.56 1.73 -8.49
N GLU A 32 -19.52 2.73 -9.38
CA GLU A 32 -20.66 3.61 -9.59
C GLU A 32 -21.93 2.88 -10.07
N LYS A 33 -21.76 1.79 -10.81
CA LYS A 33 -22.90 1.03 -11.32
C LYS A 33 -23.66 0.30 -10.21
N LYS A 34 -22.91 -0.32 -9.31
CA LYS A 34 -23.50 -1.08 -8.19
C LYS A 34 -23.93 -0.23 -7.00
N ILE A 35 -23.35 0.96 -6.90
CA ILE A 35 -23.67 1.85 -5.78
C ILE A 35 -24.06 3.22 -6.32
N PRO A 36 -25.23 3.29 -6.97
CA PRO A 36 -25.79 4.52 -7.55
C PRO A 36 -25.62 5.77 -6.70
N GLY A 37 -25.11 6.83 -7.32
CA GLY A 37 -24.94 8.10 -6.64
C GLY A 37 -23.66 8.30 -5.85
N ILE A 38 -22.81 7.29 -5.79
CA ILE A 38 -21.56 7.37 -5.05
C ILE A 38 -20.49 8.31 -5.65
N HIS A 39 -19.91 9.13 -4.78
CA HIS A 39 -18.84 10.08 -5.15
C HIS A 39 -17.50 9.34 -5.12
N VAL A 40 -16.84 9.21 -6.26
CA VAL A 40 -15.55 8.52 -6.36
C VAL A 40 -14.42 9.46 -6.75
N LEU A 41 -13.45 9.62 -5.85
CA LEU A 41 -12.30 10.50 -6.08
C LEU A 41 -11.03 9.72 -6.42
N SER A 42 -10.69 9.63 -7.70
CA SER A 42 -9.49 8.90 -8.12
C SER A 42 -8.29 9.85 -8.22
N LEU A 43 -7.44 9.83 -7.20
CA LEU A 43 -6.27 10.69 -7.11
C LEU A 43 -5.37 10.79 -8.36
N GLU A 44 -4.98 12.03 -8.65
CA GLU A 44 -4.08 12.31 -9.76
C GLU A 44 -2.99 13.17 -9.13
N ILE A 45 -1.79 12.60 -9.03
CA ILE A 45 -0.67 13.31 -8.43
C ILE A 45 0.05 14.07 -9.53
N GLY A 46 -0.25 15.37 -9.59
CA GLY A 46 0.32 16.24 -10.59
C GLY A 46 -0.80 16.93 -11.34
N LYS A 47 -0.46 17.93 -12.14
CA LYS A 47 -1.45 18.68 -12.92
C LYS A 47 -1.78 17.99 -14.23
N THR A 48 -0.97 17.02 -14.62
CA THR A 48 -1.18 16.31 -15.87
C THR A 48 -1.04 14.81 -15.70
N LEU A 49 -1.68 14.05 -16.59
CA LEU A 49 -1.57 12.60 -16.53
C LEU A 49 -0.11 12.32 -16.80
N ARG A 50 0.51 13.22 -17.57
CA ARG A 50 1.92 13.14 -17.91
C ARG A 50 2.75 13.04 -16.63
N GLU A 51 2.64 14.05 -15.77
CA GLU A 51 3.40 14.03 -14.53
C GLU A 51 2.84 13.11 -13.45
N ASP A 52 1.60 12.65 -13.65
CA ASP A 52 0.98 11.75 -12.70
C ASP A 52 1.72 10.43 -12.85
N VAL A 53 1.81 9.95 -14.08
CA VAL A 53 2.48 8.69 -14.37
C VAL A 53 3.97 8.71 -14.00
N GLU A 54 4.63 9.84 -14.21
CA GLU A 54 6.04 9.89 -13.86
C GLU A 54 6.27 10.07 -12.36
N ASN A 55 5.43 10.89 -11.71
CA ASN A 55 5.58 11.08 -10.27
C ASN A 55 5.49 9.73 -9.55
N SER A 56 4.88 8.73 -10.19
CA SER A 56 4.76 7.41 -9.57
C SER A 56 6.08 6.66 -9.59
N PHE A 57 7.07 7.25 -10.26
CA PHE A 57 8.41 6.68 -10.35
C PHE A 57 9.40 7.63 -9.68
N PHE A 58 9.26 8.91 -9.98
CA PHE A 58 10.22 9.89 -9.52
C PHE A 58 9.89 10.97 -8.50
N LEU A 59 8.73 10.92 -7.87
CA LEU A 59 8.43 11.95 -6.89
C LEU A 59 8.39 11.45 -5.45
N ASN A 60 9.09 12.16 -4.58
CA ASN A 60 9.17 11.83 -3.16
C ASN A 60 7.79 11.47 -2.62
N VAL A 61 7.67 10.24 -2.11
CA VAL A 61 6.41 9.76 -1.57
C VAL A 61 5.93 10.53 -0.34
N ASN A 62 6.86 10.99 0.48
CA ASN A 62 6.47 11.75 1.66
C ASN A 62 5.79 13.01 1.18
N SER A 63 6.20 13.51 0.01
CA SER A 63 5.62 14.71 -0.55
C SER A 63 4.27 14.40 -1.15
N GLN A 64 4.18 13.27 -1.85
CA GLN A 64 2.93 12.85 -2.48
C GLN A 64 1.82 12.74 -1.45
N VAL A 65 2.15 12.23 -0.28
CA VAL A 65 1.20 12.05 0.80
C VAL A 65 0.67 13.37 1.36
N THR A 66 1.55 14.25 1.83
CA THR A 66 1.07 15.52 2.37
C THR A 66 0.19 16.18 1.30
N THR A 67 0.61 16.07 0.04
CA THR A 67 -0.15 16.64 -1.07
C THR A 67 -1.56 16.02 -1.15
N VAL A 68 -1.64 14.69 -1.04
CA VAL A 68 -2.93 14.02 -1.09
C VAL A 68 -3.76 14.40 0.16
N CYS A 69 -3.10 14.48 1.31
CA CYS A 69 -3.79 14.86 2.54
C CYS A 69 -4.44 16.22 2.32
N GLN A 70 -3.76 17.08 1.56
CA GLN A 70 -4.27 18.42 1.31
C GLN A 70 -5.47 18.40 0.39
N ILE A 71 -5.46 17.50 -0.59
CA ILE A 71 -6.58 17.40 -1.51
C ILE A 71 -7.84 16.96 -0.74
N LEU A 72 -7.75 15.82 -0.05
CA LEU A 72 -8.88 15.29 0.72
C LEU A 72 -9.50 16.32 1.67
N ALA A 73 -8.67 17.18 2.25
CA ALA A 73 -9.13 18.20 3.19
C ALA A 73 -9.99 19.30 2.55
N LYS A 74 -9.78 19.55 1.26
CA LYS A 74 -10.54 20.59 0.56
C LYS A 74 -11.75 20.06 -0.20
N ASP A 75 -12.01 18.77 -0.07
CA ASP A 75 -13.16 18.14 -0.70
C ASP A 75 -14.20 18.06 0.41
N PRO A 76 -15.32 18.78 0.26
CA PRO A 76 -16.39 18.78 1.28
C PRO A 76 -17.16 17.47 1.43
N LYS A 77 -17.25 16.70 0.35
CA LYS A 77 -17.98 15.44 0.38
C LYS A 77 -17.32 14.30 1.15
N LEU A 78 -16.17 14.58 1.78
CA LEU A 78 -15.43 13.57 2.53
C LEU A 78 -15.27 13.85 4.02
N GLN A 79 -15.79 14.97 4.48
CA GLN A 79 -15.61 15.35 5.89
C GLN A 79 -16.26 14.44 6.94
N GLN A 80 -17.26 13.67 6.52
CA GLN A 80 -17.93 12.74 7.43
C GLN A 80 -17.31 11.35 7.33
N GLY A 81 -16.21 11.24 6.60
CA GLY A 81 -15.54 9.96 6.44
C GLY A 81 -15.60 9.45 5.00
N TYR A 82 -14.62 8.63 4.64
CA TYR A 82 -14.54 8.06 3.30
C TYR A 82 -13.84 6.72 3.34
N ASN A 83 -14.08 5.90 2.33
CA ASN A 83 -13.42 4.61 2.22
C ASN A 83 -12.29 4.87 1.24
N ALA A 84 -11.32 3.95 1.18
CA ALA A 84 -10.18 4.12 0.29
C ALA A 84 -9.74 2.78 -0.29
N MET A 85 -9.26 2.81 -1.52
CA MET A 85 -8.82 1.59 -2.20
C MET A 85 -7.54 1.85 -2.98
N GLY A 86 -6.46 1.16 -2.62
CA GLY A 86 -5.20 1.35 -3.31
C GLY A 86 -4.73 0.13 -4.09
N PHE A 87 -4.26 0.36 -5.31
CA PHE A 87 -3.75 -0.68 -6.19
C PHE A 87 -2.21 -0.70 -6.19
N SER A 88 -1.63 -1.87 -5.93
CA SER A 88 -0.18 -2.06 -5.86
C SER A 88 0.40 -1.14 -4.80
N GLN A 89 1.40 -0.33 -5.17
CA GLN A 89 2.02 0.55 -4.20
C GLN A 89 1.03 1.51 -3.59
N GLY A 90 -0.05 1.80 -4.32
CA GLY A 90 -1.09 2.67 -3.80
C GLY A 90 -1.64 2.17 -2.47
N GLY A 91 -1.42 0.88 -2.20
CA GLY A 91 -1.87 0.29 -0.94
C GLY A 91 -1.13 0.89 0.24
N GLN A 92 0.20 0.84 0.20
CA GLN A 92 1.02 1.42 1.27
C GLN A 92 0.78 2.92 1.39
N PHE A 93 0.62 3.58 0.25
CA PHE A 93 0.44 5.03 0.24
C PHE A 93 -0.80 5.45 0.99
N LEU A 94 -1.93 4.81 0.67
CA LEU A 94 -3.16 5.15 1.35
C LEU A 94 -3.04 4.81 2.83
N ARG A 95 -2.24 3.80 3.13
CA ARG A 95 -2.05 3.39 4.51
C ARG A 95 -1.27 4.50 5.20
N ALA A 96 -0.33 5.09 4.48
CA ALA A 96 0.45 6.17 5.06
C ALA A 96 -0.50 7.34 5.39
N VAL A 97 -1.39 7.65 4.45
CA VAL A 97 -2.34 8.73 4.68
C VAL A 97 -3.16 8.50 5.96
N ALA A 98 -3.58 7.26 6.18
CA ALA A 98 -4.37 6.90 7.34
C ALA A 98 -3.66 7.18 8.67
N GLN A 99 -2.35 6.94 8.71
CA GLN A 99 -1.55 7.14 9.91
C GLN A 99 -1.10 8.60 10.05
N ARG A 100 -0.91 9.29 8.93
CA ARG A 100 -0.43 10.66 8.94
C ARG A 100 -1.48 11.76 9.01
N CYS A 101 -2.63 11.55 8.37
CA CYS A 101 -3.67 12.57 8.41
C CYS A 101 -5.04 11.96 8.65
N PRO A 102 -5.44 11.88 9.93
CA PRO A 102 -6.70 11.34 10.46
C PRO A 102 -7.95 12.15 10.14
N SER A 103 -7.77 13.30 9.50
CA SER A 103 -8.89 14.18 9.13
C SER A 103 -8.80 14.62 7.67
N PRO A 104 -9.82 14.32 6.85
CA PRO A 104 -11.05 13.59 7.18
C PRO A 104 -10.71 12.15 7.53
N PRO A 105 -11.56 11.51 8.35
CA PRO A 105 -11.39 10.12 8.79
C PRO A 105 -11.61 9.04 7.72
N MET A 106 -10.57 8.25 7.46
CA MET A 106 -10.69 7.17 6.49
C MET A 106 -11.47 6.11 7.27
N VAL A 107 -12.34 5.36 6.60
CA VAL A 107 -13.16 4.34 7.26
C VAL A 107 -12.63 2.93 7.00
N ASN A 108 -12.90 2.36 5.83
CA ASN A 108 -12.38 1.04 5.48
C ASN A 108 -11.24 1.28 4.49
N LEU A 109 -10.26 0.38 4.47
CA LEU A 109 -9.11 0.50 3.55
C LEU A 109 -8.87 -0.80 2.82
N ILE A 110 -9.01 -0.78 1.50
CA ILE A 110 -8.80 -1.97 0.70
C ILE A 110 -7.47 -1.92 -0.06
N SER A 111 -6.60 -2.87 0.27
CA SER A 111 -5.29 -2.96 -0.33
C SER A 111 -5.27 -4.07 -1.37
N VAL A 112 -5.19 -3.68 -2.64
CA VAL A 112 -5.18 -4.64 -3.73
C VAL A 112 -3.74 -4.89 -4.18
N GLY A 113 -3.12 -5.93 -3.64
CA GLY A 113 -1.75 -6.26 -4.02
C GLY A 113 -0.70 -5.29 -3.51
N GLY A 114 -0.96 -4.66 -2.37
CA GLY A 114 -0.01 -3.72 -1.80
C GLY A 114 1.20 -4.40 -1.17
N GLN A 115 2.30 -3.66 -1.01
CA GLN A 115 3.54 -4.18 -0.43
C GLN A 115 3.76 -3.50 0.94
N HIS A 116 3.08 -4.00 1.97
CA HIS A 116 3.15 -3.40 3.29
C HIS A 116 4.43 -3.57 4.08
N GLN A 117 5.28 -4.49 3.63
CA GLN A 117 6.57 -4.69 4.26
C GLN A 117 7.63 -4.39 3.19
N GLY A 118 7.20 -3.75 2.10
CA GLY A 118 8.14 -3.42 1.03
C GLY A 118 8.47 -4.60 0.13
N VAL A 119 9.57 -4.50 -0.60
CA VAL A 119 10.02 -5.54 -1.51
C VAL A 119 11.53 -5.75 -1.44
N PHE A 120 11.99 -6.93 -1.87
CA PHE A 120 13.43 -7.23 -1.92
C PHE A 120 13.63 -8.24 -3.05
N GLY A 121 13.55 -7.72 -4.28
CA GLY A 121 13.68 -8.52 -5.47
C GLY A 121 13.04 -7.83 -6.67
N LEU A 122 13.52 -8.15 -7.87
CA LEU A 122 12.98 -7.54 -9.08
C LEU A 122 11.94 -8.43 -9.75
N PRO A 123 10.91 -7.80 -10.36
CA PRO A 123 9.81 -8.48 -11.05
C PRO A 123 10.25 -9.64 -11.96
N ARG A 124 9.64 -10.81 -11.75
CA ARG A 124 9.98 -12.00 -12.53
C ARG A 124 11.48 -12.29 -12.65
N CYS A 125 12.21 -12.09 -11.56
CA CYS A 125 13.64 -12.36 -11.51
C CYS A 125 13.94 -13.04 -10.16
N PRO A 126 13.25 -14.15 -9.87
CA PRO A 126 13.46 -14.86 -8.60
C PRO A 126 14.93 -15.17 -8.32
N GLY A 127 15.38 -14.75 -7.15
CA GLY A 127 16.77 -14.95 -6.77
C GLY A 127 17.18 -16.34 -6.33
N GLU A 128 16.21 -17.27 -6.29
CA GLU A 128 16.50 -18.63 -5.88
C GLU A 128 17.28 -19.43 -6.93
N SER A 129 16.91 -19.26 -8.19
CA SER A 129 17.55 -20.00 -9.28
C SER A 129 18.37 -19.17 -10.25
N SER A 130 18.75 -17.96 -9.87
CA SER A 130 19.53 -17.12 -10.75
C SER A 130 20.59 -16.31 -10.02
N HIS A 131 21.85 -16.55 -10.36
CA HIS A 131 22.93 -15.82 -9.73
C HIS A 131 22.80 -14.33 -10.02
N ILE A 132 22.42 -14.01 -11.27
CA ILE A 132 22.26 -12.62 -11.70
C ILE A 132 21.18 -11.90 -10.91
N CYS A 133 19.97 -12.46 -10.92
CA CYS A 133 18.86 -11.88 -10.19
C CYS A 133 19.25 -11.63 -8.73
N ASP A 134 19.72 -12.68 -8.07
CA ASP A 134 20.12 -12.58 -6.67
C ASP A 134 21.25 -11.56 -6.52
N PHE A 135 22.18 -11.57 -7.47
CA PHE A 135 23.31 -10.65 -7.40
C PHE A 135 22.81 -9.22 -7.37
N ILE A 136 22.15 -8.81 -8.44
CA ILE A 136 21.59 -7.47 -8.57
C ILE A 136 20.95 -6.89 -7.30
N ARG A 137 19.88 -7.55 -6.82
CA ARG A 137 19.19 -7.05 -5.64
C ARG A 137 20.13 -6.88 -4.45
N LYS A 138 21.04 -7.83 -4.27
CA LYS A 138 22.00 -7.77 -3.17
C LYS A 138 23.07 -6.71 -3.42
N THR A 139 23.19 -6.26 -4.67
CA THR A 139 24.16 -5.22 -5.02
C THR A 139 23.44 -3.91 -5.32
N LEU A 140 22.37 -3.66 -4.57
CA LEU A 140 21.57 -2.45 -4.69
C LEU A 140 21.41 -1.89 -3.29
N ASN A 141 21.35 -2.80 -2.32
CA ASN A 141 21.20 -2.41 -0.93
C ASN A 141 22.40 -1.53 -0.64
N ALA A 142 23.43 -1.69 -1.46
CA ALA A 142 24.65 -0.93 -1.32
C ALA A 142 24.46 0.53 -1.71
N GLY A 143 23.35 0.83 -2.38
CA GLY A 143 23.11 2.20 -2.80
C GLY A 143 21.70 2.73 -2.56
N ALA A 144 20.73 1.83 -2.59
CA ALA A 144 19.32 2.20 -2.39
C ALA A 144 19.08 3.10 -1.18
N TYR A 145 20.01 3.16 -0.24
CA TYR A 145 19.81 3.98 0.95
C TYR A 145 20.58 5.31 0.97
N ASN A 146 21.21 5.65 -0.14
CA ASN A 146 21.93 6.91 -0.28
C ASN A 146 20.83 7.98 -0.20
N LYS A 147 21.09 9.07 0.53
CA LYS A 147 20.09 10.12 0.65
C LYS A 147 19.62 10.64 -0.71
N ALA A 148 20.55 10.75 -1.65
CA ALA A 148 20.20 11.24 -2.97
C ALA A 148 19.22 10.30 -3.66
N ILE A 149 19.50 8.99 -3.58
CA ILE A 149 18.63 7.99 -4.21
C ILE A 149 17.25 7.93 -3.55
N GLN A 150 17.24 7.91 -2.22
CA GLN A 150 15.99 7.84 -1.47
C GLN A 150 15.02 8.98 -1.78
N GLU A 151 15.55 10.19 -1.96
CA GLU A 151 14.70 11.35 -2.24
C GLU A 151 14.28 11.51 -3.70
N ARG A 152 14.63 10.58 -4.57
CA ARG A 152 14.26 10.72 -5.98
C ARG A 152 13.63 9.46 -6.58
N LEU A 153 13.84 8.33 -5.93
CA LEU A 153 13.29 7.08 -6.43
C LEU A 153 12.20 6.53 -5.53
N VAL A 154 10.99 6.50 -6.04
CA VAL A 154 9.86 6.00 -5.28
C VAL A 154 10.07 4.55 -4.84
N GLN A 155 10.46 3.68 -5.76
CA GLN A 155 10.67 2.28 -5.46
C GLN A 155 11.71 2.07 -4.38
N ALA A 156 12.74 2.92 -4.36
CA ALA A 156 13.79 2.84 -3.36
C ALA A 156 13.22 3.12 -1.96
N GLU A 157 12.21 3.99 -1.88
CA GLU A 157 11.59 4.33 -0.60
C GLU A 157 10.87 3.17 0.10
N TYR A 158 10.63 2.07 -0.61
CA TYR A 158 10.00 0.91 0.02
C TYR A 158 10.78 -0.38 -0.26
N TRP A 159 12.07 -0.21 -0.56
CA TRP A 159 12.97 -1.33 -0.79
C TRP A 159 13.35 -1.72 0.64
N HIS A 160 13.15 -2.99 0.97
CA HIS A 160 13.41 -3.48 2.30
C HIS A 160 14.42 -4.62 2.36
N ASP A 161 15.64 -4.30 2.75
CA ASP A 161 16.71 -5.29 2.87
C ASP A 161 16.63 -6.02 4.22
N PRO A 162 16.44 -7.37 4.18
CA PRO A 162 16.33 -8.25 5.34
C PRO A 162 17.71 -8.63 5.89
N ILE A 163 18.69 -8.59 5.00
CA ILE A 163 20.05 -8.93 5.37
C ILE A 163 20.61 -7.82 6.23
N ARG A 164 21.01 -6.72 5.61
CA ARG A 164 21.57 -5.59 6.35
C ARG A 164 20.41 -4.67 6.73
N GLU A 165 19.50 -5.21 7.54
CA GLU A 165 18.31 -4.50 7.99
C GLU A 165 18.55 -3.28 8.88
N ASP A 166 19.75 -3.19 9.46
CA ASP A 166 20.08 -2.08 10.33
C ASP A 166 20.15 -0.79 9.51
N ILE A 167 20.63 -0.91 8.28
CA ILE A 167 20.77 0.26 7.40
C ILE A 167 19.42 0.66 6.83
N TYR A 168 18.56 -0.33 6.60
CA TYR A 168 17.22 -0.06 6.10
C TYR A 168 16.44 0.75 7.14
N ARG A 169 16.48 0.31 8.39
CA ARG A 169 15.77 1.01 9.48
C ARG A 169 16.22 2.43 9.68
N ASN A 170 17.54 2.62 9.67
CA ASN A 170 18.07 3.95 9.92
C ASN A 170 18.11 4.87 8.73
N HIS A 171 17.99 4.35 7.51
CA HIS A 171 18.03 5.22 6.34
C HIS A 171 16.83 5.31 5.39
N SER A 172 15.86 4.40 5.51
CA SER A 172 14.68 4.48 4.63
C SER A 172 13.80 5.66 5.10
N ILE A 173 13.40 6.50 4.17
CA ILE A 173 12.60 7.67 4.53
C ILE A 173 11.09 7.51 4.48
N PHE A 174 10.60 6.36 4.04
CA PHE A 174 9.15 6.16 3.98
C PHE A 174 8.69 4.90 4.71
N LEU A 175 8.92 3.74 4.11
CA LEU A 175 8.49 2.49 4.74
C LEU A 175 8.94 2.36 6.20
N ALA A 176 10.24 2.54 6.45
CA ALA A 176 10.75 2.42 7.81
C ALA A 176 9.94 3.29 8.79
N ASP A 177 9.53 4.46 8.33
CA ASP A 177 8.77 5.40 9.14
C ASP A 177 7.38 4.91 9.49
N ILE A 178 6.58 4.57 8.48
CA ILE A 178 5.23 4.12 8.74
C ILE A 178 5.17 2.71 9.33
N ASN A 179 6.32 2.07 9.45
CA ASN A 179 6.35 0.72 10.03
C ASN A 179 6.95 0.75 11.44
N GLN A 180 7.11 1.95 11.98
CA GLN A 180 7.64 2.14 13.33
C GLN A 180 9.06 1.60 13.52
N GLU A 181 9.89 1.64 12.49
CA GLU A 181 11.27 1.11 12.59
C GLU A 181 12.25 1.89 13.47
N ARG A 182 12.18 3.22 13.44
CA ARG A 182 13.08 4.04 14.24
C ARG A 182 12.57 4.10 15.69
N GLY A 183 11.28 4.37 15.84
CA GLY A 183 10.69 4.46 17.16
C GLY A 183 9.18 4.40 16.99
N VAL A 184 8.47 4.00 18.03
CA VAL A 184 7.02 3.92 17.95
C VAL A 184 6.36 5.29 17.88
N ASN A 185 5.66 5.54 16.78
CA ASN A 185 4.96 6.80 16.59
C ASN A 185 3.56 6.56 17.16
N GLU A 186 3.30 7.17 18.32
CA GLU A 186 2.03 7.05 19.02
C GLU A 186 0.78 7.38 18.20
N SER A 187 0.82 8.47 17.43
CA SER A 187 -0.34 8.86 16.63
C SER A 187 -0.55 7.86 15.49
N TYR A 188 0.54 7.38 14.91
CA TYR A 188 0.49 6.40 13.83
C TYR A 188 -0.39 5.22 14.26
N LYS A 189 -0.08 4.62 15.41
CA LYS A 189 -0.86 3.49 15.92
C LYS A 189 -2.31 3.85 16.18
N LYS A 190 -2.52 4.95 16.90
CA LYS A 190 -3.86 5.39 17.22
C LYS A 190 -4.65 5.62 15.93
N ASN A 191 -4.04 6.29 14.97
CA ASN A 191 -4.70 6.57 13.71
C ASN A 191 -5.03 5.31 12.89
N LEU A 192 -4.13 4.33 12.85
CA LEU A 192 -4.39 3.09 12.10
C LEU A 192 -5.53 2.28 12.73
N MET A 193 -5.54 2.18 14.06
CA MET A 193 -6.59 1.44 14.75
C MET A 193 -7.95 2.11 14.60
N ALA A 194 -7.94 3.40 14.30
CA ALA A 194 -9.19 4.14 14.11
C ALA A 194 -9.95 3.62 12.87
N LEU A 195 -9.25 2.89 11.99
CA LEU A 195 -9.88 2.32 10.80
C LEU A 195 -10.85 1.26 11.29
N LYS A 196 -11.90 0.96 10.52
CA LYS A 196 -12.86 -0.06 10.92
C LYS A 196 -12.51 -1.41 10.30
N LYS A 197 -12.06 -1.39 9.06
CA LYS A 197 -11.68 -2.61 8.37
C LYS A 197 -10.51 -2.35 7.42
N PHE A 198 -9.49 -3.18 7.54
CA PHE A 198 -8.28 -3.09 6.73
C PHE A 198 -8.18 -4.41 5.97
N VAL A 199 -8.63 -4.38 4.73
CA VAL A 199 -8.64 -5.55 3.85
C VAL A 199 -7.37 -5.69 3.03
N MET A 200 -6.71 -6.84 3.17
CA MET A 200 -5.48 -7.09 2.43
C MET A 200 -5.64 -8.20 1.39
N VAL A 201 -5.69 -7.80 0.12
CA VAL A 201 -5.85 -8.74 -0.98
C VAL A 201 -4.50 -9.25 -1.45
N LYS A 202 -4.41 -10.56 -1.67
CA LYS A 202 -3.16 -11.16 -2.08
C LYS A 202 -3.28 -12.07 -3.30
N PHE A 203 -2.49 -11.77 -4.31
CA PHE A 203 -2.52 -12.54 -5.54
C PHE A 203 -1.58 -13.73 -5.37
N LEU A 204 -2.19 -14.88 -5.17
CA LEU A 204 -1.48 -16.13 -4.95
C LEU A 204 -0.35 -16.44 -5.91
N ASN A 205 -0.59 -16.25 -7.21
CA ASN A 205 0.39 -16.57 -8.24
C ASN A 205 1.19 -15.36 -8.74
N ASP A 206 1.32 -14.35 -7.86
CA ASP A 206 2.03 -13.10 -8.16
C ASP A 206 3.53 -13.30 -8.50
N THR A 207 3.97 -12.75 -9.62
CA THR A 207 5.37 -12.86 -10.02
C THR A 207 6.06 -11.50 -10.10
N ILE A 208 5.38 -10.46 -9.62
CA ILE A 208 5.91 -9.11 -9.67
C ILE A 208 6.35 -8.62 -8.29
N VAL A 209 5.61 -9.02 -7.26
CA VAL A 209 5.93 -8.59 -5.90
C VAL A 209 6.72 -9.66 -5.16
N ASP A 210 7.99 -9.35 -4.87
CA ASP A 210 8.85 -10.29 -4.17
C ASP A 210 9.23 -9.74 -2.80
N PRO A 211 8.80 -10.42 -1.71
CA PRO A 211 8.01 -11.65 -1.61
C PRO A 211 6.51 -11.36 -1.66
N VAL A 212 5.70 -12.34 -2.06
CA VAL A 212 4.26 -12.14 -2.14
C VAL A 212 3.66 -11.93 -0.76
N ASP A 213 4.30 -12.53 0.24
CA ASP A 213 3.85 -12.44 1.62
C ASP A 213 3.62 -10.99 2.03
N SER A 214 4.41 -10.09 1.47
CA SER A 214 4.34 -8.67 1.78
C SER A 214 2.94 -8.09 1.60
N GLU A 215 2.15 -8.75 0.75
CA GLU A 215 0.79 -8.32 0.47
C GLU A 215 -0.12 -8.53 1.70
N TRP A 216 0.30 -9.41 2.61
CA TRP A 216 -0.45 -9.69 3.83
C TRP A 216 0.32 -9.21 5.04
N PHE A 217 1.26 -8.29 4.81
CA PHE A 217 2.10 -7.70 5.85
C PHE A 217 3.15 -8.66 6.45
N GLY A 218 3.50 -9.72 5.69
CA GLY A 218 4.51 -10.66 6.12
C GLY A 218 5.82 -10.32 5.41
N PHE A 219 6.88 -11.13 5.58
CA PHE A 219 8.14 -10.85 4.90
C PHE A 219 9.24 -11.89 5.18
N TYR A 220 10.39 -11.73 4.53
CA TYR A 220 11.51 -12.66 4.74
C TYR A 220 11.96 -12.60 6.20
N ARG A 221 12.37 -13.73 6.77
CA ARG A 221 12.85 -13.72 8.15
C ARG A 221 14.14 -12.91 8.18
N SER A 222 14.34 -12.15 9.25
CA SER A 222 15.51 -11.30 9.39
C SER A 222 16.84 -12.03 9.19
N GLY A 223 17.82 -11.35 8.60
CA GLY A 223 19.12 -11.95 8.38
C GLY A 223 19.34 -12.67 7.07
N GLN A 224 18.27 -12.93 6.33
CA GLN A 224 18.41 -13.64 5.05
C GLN A 224 17.32 -13.28 4.03
N ALA A 225 17.34 -13.97 2.89
CA ALA A 225 16.38 -13.71 1.81
C ALA A 225 15.85 -14.98 1.16
N LYS A 226 15.66 -16.02 1.96
CA LYS A 226 15.16 -17.29 1.45
C LYS A 226 13.77 -17.57 2.01
N GLU A 227 13.68 -17.77 3.32
CA GLU A 227 12.39 -18.07 3.93
C GLU A 227 11.67 -16.80 4.41
N THR A 228 10.36 -16.93 4.60
CA THR A 228 9.52 -15.83 5.03
C THR A 228 8.62 -16.21 6.22
N ILE A 229 8.31 -15.24 7.09
CA ILE A 229 7.44 -15.48 8.24
C ILE A 229 6.21 -14.58 8.12
N PRO A 230 5.06 -15.02 8.66
CA PRO A 230 3.84 -14.20 8.59
C PRO A 230 3.83 -13.06 9.59
N LEU A 231 2.92 -12.10 9.40
CA LEU A 231 2.78 -10.94 10.28
C LEU A 231 2.76 -11.35 11.75
N GLN A 232 1.84 -12.26 12.09
CA GLN A 232 1.68 -12.73 13.47
C GLN A 232 2.99 -13.08 14.18
N GLU A 233 4.00 -13.50 13.43
CA GLU A 233 5.29 -13.90 14.01
C GLU A 233 6.39 -12.83 14.01
N SER A 234 6.07 -11.64 13.54
CA SER A 234 7.05 -10.56 13.50
C SER A 234 6.95 -9.72 14.78
N THR A 235 8.04 -9.06 15.13
CA THR A 235 8.05 -8.22 16.32
C THR A 235 7.02 -7.08 16.17
N LEU A 236 6.93 -6.49 14.98
CA LEU A 236 5.97 -5.43 14.72
C LEU A 236 4.59 -5.82 15.28
N TYR A 237 4.31 -7.10 15.31
CA TYR A 237 3.05 -7.60 15.80
C TYR A 237 3.15 -8.10 17.24
N THR A 238 4.30 -8.67 17.57
CA THR A 238 4.61 -9.20 18.89
C THR A 238 4.52 -8.10 19.95
N GLN A 239 5.07 -6.93 19.61
CA GLN A 239 5.05 -5.79 20.52
C GLN A 239 3.93 -4.85 20.14
N ASP A 240 3.23 -5.17 19.06
CA ASP A 240 2.12 -4.34 18.58
C ASP A 240 2.51 -2.88 18.51
N ARG A 241 3.58 -2.61 17.76
CA ARG A 241 4.10 -1.26 17.58
C ARG A 241 3.18 -0.40 16.70
N LEU A 242 2.30 -1.05 15.97
CA LEU A 242 1.38 -0.35 15.08
C LEU A 242 -0.11 -0.55 15.45
N GLY A 243 -0.39 -1.55 16.30
CA GLY A 243 -1.77 -1.80 16.70
C GLY A 243 -2.45 -2.91 15.91
N LEU A 244 -1.68 -3.58 15.04
CA LEU A 244 -2.21 -4.66 14.20
C LEU A 244 -2.63 -5.86 15.04
N LYS A 245 -2.06 -6.03 16.22
CA LYS A 245 -2.45 -7.16 17.06
C LYS A 245 -3.80 -6.88 17.69
N ALA A 246 -4.00 -5.66 18.15
CA ALA A 246 -5.28 -5.29 18.76
C ALA A 246 -6.40 -5.29 17.71
N MET A 247 -6.08 -4.88 16.49
CA MET A 247 -7.06 -4.85 15.41
C MET A 247 -7.45 -6.28 15.05
N ASP A 248 -6.44 -7.14 14.96
CA ASP A 248 -6.68 -8.53 14.62
C ASP A 248 -7.62 -9.18 15.63
N LYS A 249 -7.41 -8.93 16.91
CA LYS A 249 -8.27 -9.51 17.94
C LYS A 249 -9.71 -9.02 17.81
N ALA A 250 -9.86 -7.77 17.41
CA ALA A 250 -11.18 -7.16 17.27
C ALA A 250 -11.85 -7.39 15.91
N GLY A 251 -11.21 -8.17 15.05
CA GLY A 251 -11.78 -8.44 13.74
C GLY A 251 -11.66 -7.28 12.77
N GLN A 252 -10.60 -6.48 12.89
CA GLN A 252 -10.43 -5.35 12.00
C GLN A 252 -9.55 -5.67 10.79
N LEU A 253 -8.83 -6.79 10.84
CA LEU A 253 -7.96 -7.15 9.73
C LEU A 253 -8.62 -8.28 8.94
N VAL A 254 -8.74 -8.09 7.62
CA VAL A 254 -9.34 -9.13 6.78
C VAL A 254 -8.30 -9.56 5.74
N PHE A 255 -8.12 -10.87 5.58
CA PHE A 255 -7.15 -11.40 4.62
C PHE A 255 -7.79 -12.18 3.47
N LEU A 256 -7.75 -11.63 2.26
CA LEU A 256 -8.30 -12.29 1.08
C LEU A 256 -7.16 -12.78 0.19
N ALA A 257 -7.41 -13.85 -0.54
CA ALA A 257 -6.38 -14.39 -1.43
C ALA A 257 -7.02 -15.05 -2.64
N LEU A 258 -6.43 -14.85 -3.82
CA LEU A 258 -6.96 -15.44 -5.02
C LEU A 258 -5.86 -15.85 -5.99
N GLU A 259 -6.21 -16.72 -6.94
CA GLU A 259 -5.25 -17.18 -7.93
C GLU A 259 -5.09 -16.11 -9.01
N GLY A 260 -3.93 -16.10 -9.66
CA GLY A 260 -3.66 -15.15 -10.71
C GLY A 260 -2.36 -14.44 -10.42
N ASP A 261 -1.86 -13.66 -11.37
CA ASP A 261 -0.62 -12.92 -11.17
C ASP A 261 -1.00 -11.53 -10.64
N HIS A 262 -0.05 -10.61 -10.59
CA HIS A 262 -0.29 -9.26 -10.06
C HIS A 262 -1.46 -8.49 -10.66
N LEU A 263 -2.32 -7.98 -9.77
CA LEU A 263 -3.49 -7.20 -10.17
C LEU A 263 -4.33 -7.88 -11.27
N GLN A 264 -4.48 -9.19 -11.17
CA GLN A 264 -5.28 -9.92 -12.12
C GLN A 264 -6.56 -10.40 -11.46
N LEU A 265 -7.68 -9.71 -11.73
CA LEU A 265 -8.95 -10.13 -11.16
C LEU A 265 -10.13 -9.83 -12.08
N SER A 266 -11.21 -10.56 -11.91
CA SER A 266 -12.40 -10.41 -12.74
C SER A 266 -13.51 -9.57 -12.09
N GLU A 267 -14.53 -9.25 -12.89
CA GLU A 267 -15.65 -8.47 -12.40
C GLU A 267 -16.38 -9.26 -11.32
N GLU A 268 -16.64 -10.53 -11.63
CA GLU A 268 -17.31 -11.43 -10.70
C GLU A 268 -16.72 -11.24 -9.31
N TRP A 269 -15.48 -11.69 -9.15
CA TRP A 269 -14.78 -11.61 -7.89
C TRP A 269 -14.85 -10.22 -7.26
N PHE A 270 -14.61 -9.19 -8.05
CA PHE A 270 -14.66 -7.82 -7.55
C PHE A 270 -16.03 -7.54 -6.92
N TYR A 271 -17.09 -7.76 -7.70
CA TYR A 271 -18.46 -7.54 -7.26
C TYR A 271 -18.82 -8.36 -6.02
N ALA A 272 -18.26 -9.55 -5.92
CA ALA A 272 -18.52 -10.44 -4.81
C ALA A 272 -17.79 -10.08 -3.51
N HIS A 273 -16.47 -9.89 -3.61
CA HIS A 273 -15.63 -9.60 -2.45
C HIS A 273 -15.33 -8.18 -2.07
N ILE A 274 -15.22 -7.28 -3.04
CA ILE A 274 -14.88 -5.91 -2.71
C ILE A 274 -16.06 -4.99 -2.49
N ILE A 275 -17.02 -5.03 -3.41
CA ILE A 275 -18.21 -4.20 -3.31
C ILE A 275 -18.79 -4.18 -1.90
N PRO A 276 -18.91 -5.34 -1.25
CA PRO A 276 -19.46 -5.32 0.11
C PRO A 276 -18.75 -4.38 1.08
N PHE A 277 -17.45 -4.18 0.91
CA PHE A 277 -16.69 -3.30 1.81
C PHE A 277 -16.83 -1.81 1.52
N LEU A 278 -17.49 -1.48 0.41
CA LEU A 278 -17.67 -0.09 0.01
C LEU A 278 -19.07 0.44 0.28
N GLU A 279 -20.07 -0.42 0.18
CA GLU A 279 -21.45 0.01 0.42
C GLU A 279 -21.79 -0.13 1.89
C1 NAG B . -0.60 -20.34 -9.21
C2 NAG B . -1.16 -21.74 -8.91
C3 NAG B . -1.71 -21.82 -7.49
C4 NAG B . -0.66 -21.35 -6.50
C5 NAG B . -0.14 -19.95 -6.89
C6 NAG B . 1.02 -19.51 -6.00
C7 NAG B . -2.16 -21.63 -11.11
C8 NAG B . -3.20 -20.60 -11.51
N2 NAG B . -2.20 -22.09 -9.85
O3 NAG B . -2.06 -23.16 -7.20
O4 NAG B . -1.22 -21.31 -5.17
O5 NAG B . 0.37 -19.94 -8.24
O6 NAG B . 2.26 -19.56 -6.69
O7 NAG B . -1.31 -22.01 -11.91
C1 NAG B . -0.63 -22.09 -4.18
C2 NAG B . -0.93 -23.58 -4.42
C3 NAG B . -0.25 -24.41 -3.32
C4 NAG B . 1.27 -24.08 -3.28
C5 NAG B . 1.47 -22.57 -3.11
C6 NAG B . 2.93 -22.14 -3.15
C7 NAG B . -2.89 -24.93 -4.91
C8 NAG B . -4.33 -25.24 -4.55
N2 NAG B . -2.37 -23.81 -4.40
O3 NAG B . -0.43 -25.80 -3.56
O4 NAG B . 1.86 -24.76 -2.18
O5 NAG B . 0.78 -21.84 -4.17
O6 NAG B . 3.44 -22.13 -4.47
O7 NAG B . -2.26 -25.68 -5.65
C1 NAG C . 21.64 3.55 12.77
C2 NAG C . 23.00 2.81 12.88
C3 NAG C . 23.28 2.27 14.30
C4 NAG C . 22.91 3.28 15.37
C5 NAG C . 21.47 3.69 15.17
C6 NAG C . 20.98 4.63 16.26
C7 NAG C . 23.78 1.74 10.86
C8 NAG C . 24.75 0.59 10.68
N2 NAG C . 23.00 1.70 11.95
O3 NAG C . 24.66 1.97 14.42
O4 NAG C . 23.09 2.72 16.66
O5 NAG C . 21.34 4.39 13.91
O6 NAG C . 20.87 3.94 17.50
O7 NAG C . 23.72 2.65 10.03
C1 NAG D . 3.20 10.22 15.87
C2 NAG D . 3.86 11.48 15.25
C3 NAG D . 5.09 11.89 16.08
C4 NAG D . 4.63 12.24 17.50
C5 NAG D . 3.70 11.17 18.07
C6 NAG D . 2.26 11.64 18.24
C7 NAG D . 3.99 12.10 12.92
C8 NAG D . 5.19 12.79 12.26
N2 NAG D . 4.24 11.21 13.87
O3 NAG D . 5.73 13.02 15.48
O4 NAG D . 5.77 12.40 18.36
O5 NAG D . 3.69 9.98 17.22
O6 NAG D . 1.60 10.94 19.28
O7 NAG D . 2.85 12.40 12.54
C1 PLM E . 2.73 -1.50 -7.78
O1 PLM E . 2.39 -0.92 -8.83
C2 PLM E . 4.21 -1.50 -7.44
C3 PLM E . 4.97 -2.76 -7.89
C4 PLM E . 6.43 -2.62 -7.49
C5 PLM E . 7.29 -3.79 -7.91
C6 PLM E . 8.53 -3.30 -8.63
C7 PLM E . 9.61 -2.88 -7.65
C8 PLM E . 10.86 -2.37 -8.34
C9 PLM E . 11.88 -1.98 -7.29
CA PLM E . 13.16 -1.43 -7.87
CB PLM E . 13.98 -0.74 -6.80
CC PLM E . 15.27 -0.18 -7.36
CD PLM E . 16.08 0.50 -6.28
CE PLM E . 17.37 1.08 -6.88
CF PLM E . 18.35 1.53 -5.81
CG PLM E . 19.62 2.09 -6.44
#